data_9I8D
#
_entry.id   9I8D
#
_cell.length_a   1.00
_cell.length_b   1.00
_cell.length_c   1.00
_cell.angle_alpha   90.00
_cell.angle_beta   90.00
_cell.angle_gamma   90.00
#
_symmetry.space_group_name_H-M   'P 1'
#
_entity_poly.entity_id   1
_entity_poly.type   'polypeptide(L)'
_entity_poly.pdbx_seq_one_letter_code
;MNNLYRELAPVTDEAWGEIEQEATRTFKRHIAGRRVVDCTGPTGATTAAVSTGHLLDVTSPGDGVIAHLRDSRPLVRLRV
PFTITRDAIDDVERGSQDSDWDPVKDAAKKLAFAEDRAIFEGYAAANIQGIRAGSSNPGLALPDDPRGYPDVIAQALSEL
RLAGVDGPYSVLLSADAYTKVSETTEHGYPLREHLNRVVDGDIIWAPAIDGAFVLSTRGGDFDLQLGTDVSIGYSSHDAD
TVQLYLQETFTFLNYTAEASVALSA
;
_entity_poly.pdbx_strand_id   A
#
# COMPACT_ATOMS: atom_id res chain seq x y z
N MET A 1 7.71 -14.21 -25.80
CA MET A 1 6.53 -13.56 -25.25
C MET A 1 6.36 -13.90 -23.77
N ASN A 2 5.33 -13.31 -23.16
CA ASN A 2 5.22 -13.23 -21.72
C ASN A 2 3.75 -13.06 -21.38
N ASN A 3 3.39 -13.39 -20.14
CA ASN A 3 2.00 -13.38 -19.72
C ASN A 3 1.35 -12.01 -19.83
N LEU A 4 2.14 -10.95 -20.02
CA LEU A 4 1.58 -9.61 -20.22
C LEU A 4 1.13 -9.37 -21.66
N TYR A 5 1.62 -10.19 -22.61
CA TYR A 5 1.24 -10.08 -24.02
C TYR A 5 1.47 -8.67 -24.58
N ARG A 6 2.50 -7.98 -24.08
CA ARG A 6 2.78 -6.64 -24.56
C ARG A 6 3.07 -6.62 -26.05
N GLU A 7 3.72 -7.67 -26.56
CA GLU A 7 4.02 -7.76 -27.99
C GLU A 7 2.77 -7.78 -28.86
N LEU A 8 1.61 -8.08 -28.28
CA LEU A 8 0.36 -8.06 -29.04
C LEU A 8 -0.33 -6.70 -29.01
N ALA A 9 0.15 -5.77 -28.21
CA ALA A 9 -0.55 -4.49 -28.07
C ALA A 9 -0.15 -3.55 -29.20
N PRO A 10 -1.12 -2.83 -29.78
CA PRO A 10 -0.78 -1.72 -30.70
C PRO A 10 -0.33 -0.49 -29.93
N VAL A 11 0.81 -0.60 -29.28
CA VAL A 11 1.37 0.45 -28.43
C VAL A 11 2.86 0.55 -28.74
N THR A 12 3.27 1.62 -29.40
CA THR A 12 4.67 1.81 -29.75
C THR A 12 5.53 1.92 -28.49
N ASP A 13 6.81 1.61 -28.65
CA ASP A 13 7.73 1.59 -27.52
C ASP A 13 7.82 2.94 -26.81
N GLU A 14 7.68 4.05 -27.55
CA GLU A 14 7.64 5.36 -26.91
C GLU A 14 6.41 5.50 -26.03
N ALA A 15 5.27 4.99 -26.49
CA ALA A 15 4.07 5.06 -25.68
C ALA A 15 4.10 4.06 -24.52
N TRP A 16 4.82 2.94 -24.68
CA TRP A 16 5.08 2.09 -23.53
C TRP A 16 5.92 2.82 -22.48
N GLY A 17 6.99 3.49 -22.91
CA GLY A 17 7.77 4.30 -22.00
C GLY A 17 6.96 5.36 -21.28
N GLU A 18 6.07 6.03 -22.01
CA GLU A 18 5.19 7.03 -21.39
C GLU A 18 4.22 6.42 -20.38
N ILE A 19 3.56 5.32 -20.74
CA ILE A 19 2.61 4.70 -19.84
C ILE A 19 3.30 4.12 -18.60
N GLU A 20 4.49 3.56 -18.78
CA GLU A 20 5.27 3.10 -17.64
C GLU A 20 5.69 4.24 -16.73
N GLN A 21 6.14 5.37 -17.30
CA GLN A 21 6.52 6.49 -16.45
C GLN A 21 5.33 7.08 -15.71
N GLU A 22 4.20 7.27 -16.39
CA GLU A 22 3.01 7.78 -15.73
C GLU A 22 2.52 6.86 -14.63
N ALA A 23 2.49 5.54 -14.88
CA ALA A 23 2.05 4.61 -13.85
C ALA A 23 3.01 4.58 -12.67
N THR A 24 4.31 4.53 -12.95
CA THR A 24 5.31 4.51 -11.88
C THR A 24 5.22 5.74 -11.01
N ARG A 25 5.22 6.94 -11.61
CA ARG A 25 5.09 8.16 -10.84
C ARG A 25 3.80 8.22 -10.04
N THR A 26 2.67 7.86 -10.65
CA THR A 26 1.40 7.97 -9.93
C THR A 26 1.30 6.96 -8.79
N PHE A 27 1.83 5.76 -8.99
CA PHE A 27 1.83 4.76 -7.93
C PHE A 27 2.75 5.16 -6.78
N LYS A 28 4.00 5.53 -7.10
CA LYS A 28 4.90 6.02 -6.07
C LYS A 28 4.32 7.21 -5.31
N ARG A 29 3.60 8.10 -6.00
CA ARG A 29 2.98 9.22 -5.32
C ARG A 29 1.88 8.77 -4.37
N HIS A 30 1.00 7.88 -4.81
CA HIS A 30 -0.12 7.55 -3.94
C HIS A 30 0.22 6.48 -2.90
N ILE A 31 1.18 5.61 -3.16
CA ILE A 31 1.43 4.48 -2.26
C ILE A 31 2.13 4.96 -1.00
N ALA A 32 1.50 4.75 0.15
CA ALA A 32 2.08 5.07 1.45
C ALA A 32 2.82 3.88 2.07
N GLY A 33 2.23 2.69 1.96
CA GLY A 33 2.76 1.52 2.67
C GLY A 33 4.24 1.27 2.45
N ARG A 34 4.67 1.26 1.19
CA ARG A 34 6.04 0.87 0.87
C ARG A 34 7.10 1.83 1.39
N ARG A 35 6.72 3.01 1.87
CA ARG A 35 7.68 3.83 2.61
C ARG A 35 7.87 3.35 4.04
N VAL A 36 6.83 2.78 4.65
CA VAL A 36 6.88 2.33 6.04
C VAL A 36 7.35 0.89 6.13
N VAL A 37 6.65 0.00 5.43
CA VAL A 37 6.80 -1.44 5.65
C VAL A 37 8.06 -1.93 4.95
N ASP A 38 8.63 -3.00 5.49
CA ASP A 38 9.62 -3.77 4.76
C ASP A 38 8.99 -4.48 3.57
N CYS A 39 9.76 -4.57 2.48
CA CYS A 39 9.23 -4.78 1.14
C CYS A 39 10.02 -5.93 0.52
N THR A 40 9.50 -7.14 0.64
CA THR A 40 10.26 -8.35 0.40
C THR A 40 9.84 -8.93 -0.94
N GLY A 41 10.81 -9.20 -1.80
CA GLY A 41 10.55 -9.64 -3.15
C GLY A 41 10.90 -8.57 -4.17
N PRO A 42 10.36 -8.69 -5.40
CA PRO A 42 9.42 -9.72 -5.89
C PRO A 42 10.01 -11.13 -5.91
N THR A 43 9.33 -12.06 -5.26
CA THR A 43 9.80 -13.43 -5.18
C THR A 43 9.59 -14.20 -6.48
N GLY A 44 8.76 -13.69 -7.38
CA GLY A 44 8.60 -14.24 -8.71
C GLY A 44 7.18 -14.69 -8.98
N ALA A 45 6.97 -15.13 -10.22
CA ALA A 45 5.66 -15.58 -10.67
C ALA A 45 5.23 -16.90 -10.05
N THR A 46 6.17 -17.70 -9.53
CA THR A 46 5.83 -19.01 -9.00
C THR A 46 5.40 -19.00 -7.53
N THR A 47 5.54 -17.88 -6.83
CA THR A 47 5.15 -17.81 -5.43
C THR A 47 3.63 -17.70 -5.30
N ALA A 48 3.00 -18.71 -4.71
CA ALA A 48 1.57 -18.67 -4.46
C ALA A 48 1.20 -18.35 -3.02
N ALA A 49 2.10 -18.56 -2.08
CA ALA A 49 1.79 -18.37 -0.66
C ALA A 49 3.08 -18.18 0.11
N VAL A 50 2.95 -17.73 1.35
CA VAL A 50 4.09 -17.54 2.24
C VAL A 50 3.89 -18.41 3.49
N SER A 51 4.98 -19.00 3.96
CA SER A 51 4.98 -19.80 5.18
C SER A 51 4.80 -18.91 6.40
N THR A 52 3.68 -19.07 7.11
CA THR A 52 3.56 -18.49 8.44
C THR A 52 4.26 -19.31 9.50
N GLY A 53 4.82 -20.47 9.14
CA GLY A 53 5.50 -21.34 10.09
C GLY A 53 4.62 -22.06 11.10
N HIS A 54 3.39 -21.59 11.30
CA HIS A 54 2.49 -22.26 12.22
C HIS A 54 2.01 -23.59 11.65
N LEU A 55 1.39 -24.39 12.52
CA LEU A 55 0.86 -25.69 12.16
C LEU A 55 -0.57 -25.81 12.64
N LEU A 56 -1.39 -26.54 11.90
CA LEU A 56 -2.82 -26.67 12.18
C LEU A 56 -3.15 -28.13 12.44
N ASP A 57 -3.91 -28.38 13.51
CA ASP A 57 -4.40 -29.72 13.80
C ASP A 57 -5.40 -30.16 12.74
N VAL A 58 -5.22 -31.38 12.24
CA VAL A 58 -6.15 -31.99 11.28
C VAL A 58 -6.37 -33.44 11.66
N THR A 59 -7.49 -33.99 11.17
CA THR A 59 -7.85 -35.36 11.45
C THR A 59 -6.76 -36.32 10.96
N SER A 60 -6.38 -37.25 11.82
CA SER A 60 -5.26 -38.13 11.52
C SER A 60 -5.58 -39.05 10.35
N PRO A 61 -4.59 -39.38 9.52
CA PRO A 61 -4.83 -40.30 8.41
C PRO A 61 -5.00 -41.74 8.83
N GLY A 62 -4.57 -42.11 10.02
CA GLY A 62 -4.62 -43.51 10.43
C GLY A 62 -4.11 -43.66 11.85
N ASP A 63 -4.27 -44.88 12.36
CA ASP A 63 -4.06 -45.17 13.78
C ASP A 63 -2.65 -44.78 14.21
N GLY A 64 -2.57 -43.91 15.22
CA GLY A 64 -1.33 -43.51 15.83
C GLY A 64 -0.51 -42.50 15.06
N VAL A 65 -0.94 -42.11 13.86
CA VAL A 65 -0.25 -41.04 13.13
C VAL A 65 -0.76 -39.71 13.63
N ILE A 66 0.16 -38.74 13.76
CA ILE A 66 -0.18 -37.37 14.10
C ILE A 66 0.01 -36.53 12.84
N ALA A 67 -1.04 -35.80 12.45
CA ALA A 67 -1.01 -35.00 11.23
C ALA A 67 -1.20 -33.53 11.58
N HIS A 68 -0.28 -32.69 11.11
CA HIS A 68 -0.37 -31.25 11.28
C HIS A 68 -0.30 -30.60 9.91
N LEU A 69 -1.39 -29.96 9.50
CA LEU A 69 -1.40 -29.23 8.24
C LEU A 69 -0.69 -27.91 8.43
N ARG A 70 0.23 -27.59 7.51
CA ARG A 70 1.05 -26.40 7.69
C ARG A 70 0.32 -25.15 7.23
N ASP A 71 0.35 -24.12 8.06
CA ASP A 71 -0.35 -22.88 7.79
C ASP A 71 0.41 -22.02 6.79
N SER A 72 -0.33 -21.34 5.93
CA SER A 72 0.26 -20.40 4.98
C SER A 72 -0.77 -19.33 4.65
N ARG A 73 -0.29 -18.19 4.16
CA ARG A 73 -1.17 -17.16 3.67
C ARG A 73 -1.08 -17.03 2.16
N PRO A 74 -2.19 -17.12 1.44
CA PRO A 74 -2.13 -17.03 -0.01
C PRO A 74 -1.83 -15.61 -0.47
N LEU A 75 -1.14 -15.51 -1.60
CA LEU A 75 -1.01 -14.25 -2.31
C LEU A 75 -2.30 -13.91 -3.04
N VAL A 76 -2.68 -12.64 -3.02
CA VAL A 76 -3.76 -12.13 -3.85
C VAL A 76 -3.17 -11.34 -5.02
N ARG A 77 -3.76 -11.52 -6.19
CA ARG A 77 -3.50 -10.68 -7.35
C ARG A 77 -4.60 -9.63 -7.47
N LEU A 78 -4.19 -8.36 -7.54
CA LEU A 78 -5.10 -7.28 -7.89
C LEU A 78 -4.81 -6.79 -9.31
N ARG A 79 -5.89 -6.60 -10.09
CA ARG A 79 -5.80 -6.09 -11.45
C ARG A 79 -6.82 -4.97 -11.62
N VAL A 80 -6.37 -3.84 -12.15
CA VAL A 80 -7.26 -2.74 -12.50
C VAL A 80 -7.23 -2.57 -14.02
N PRO A 81 -8.33 -2.84 -14.72
CA PRO A 81 -8.36 -2.61 -16.17
C PRO A 81 -8.57 -1.15 -16.51
N PHE A 82 -7.83 -0.67 -17.52
CA PHE A 82 -7.96 0.71 -17.96
C PHE A 82 -7.85 0.78 -19.48
N THR A 83 -8.59 1.71 -20.08
CA THR A 83 -8.68 1.85 -21.52
C THR A 83 -8.05 3.18 -21.94
N ILE A 84 -7.02 3.10 -22.80
CA ILE A 84 -6.40 4.27 -23.41
C ILE A 84 -6.78 4.33 -24.89
N THR A 85 -6.99 5.55 -25.39
CA THR A 85 -7.31 5.71 -26.80
C THR A 85 -6.08 5.51 -27.67
N ARG A 86 -6.29 4.89 -28.84
CA ARG A 86 -5.22 4.73 -29.82
C ARG A 86 -4.75 6.06 -30.40
N ASP A 87 -5.65 7.04 -30.49
CA ASP A 87 -5.26 8.42 -30.77
C ASP A 87 -4.12 8.90 -29.88
N ALA A 88 -4.27 8.73 -28.56
CA ALA A 88 -3.23 9.15 -27.63
C ALA A 88 -1.96 8.34 -27.77
N ILE A 89 -2.04 7.10 -28.25
CA ILE A 89 -0.82 6.30 -28.40
C ILE A 89 -0.09 6.72 -29.66
N ASP A 90 -0.81 6.84 -30.78
CA ASP A 90 -0.20 7.20 -32.05
C ASP A 90 0.36 8.62 -32.01
N ASP A 91 -0.25 9.51 -31.23
CA ASP A 91 0.32 10.84 -31.02
C ASP A 91 1.73 10.79 -30.44
N VAL A 92 2.07 9.72 -29.71
CA VAL A 92 3.35 9.71 -28.99
C VAL A 92 4.52 9.61 -29.95
N GLU A 93 4.43 8.74 -30.96
CA GLU A 93 5.53 8.64 -31.91
C GLU A 93 5.59 9.85 -32.85
N ARG A 94 4.49 10.57 -32.99
CA ARG A 94 4.54 11.92 -33.55
C ARG A 94 5.13 12.95 -32.59
N GLY A 95 5.75 12.56 -31.48
CA GLY A 95 6.42 13.52 -30.62
C GLY A 95 5.51 14.33 -29.73
N SER A 96 4.30 13.86 -29.45
CA SER A 96 3.40 14.63 -28.62
C SER A 96 3.81 14.59 -27.15
N GLN A 97 3.38 15.62 -26.42
CA GLN A 97 3.11 15.59 -25.00
C GLN A 97 1.71 16.16 -24.79
N ASP A 98 1.13 15.89 -23.61
CA ASP A 98 -0.31 15.99 -23.38
C ASP A 98 -1.09 14.93 -24.14
N SER A 99 -0.50 13.76 -24.34
CA SER A 99 -1.30 12.55 -24.52
C SER A 99 -2.05 12.26 -23.23
N ASP A 100 -3.34 11.95 -23.37
CA ASP A 100 -4.24 11.76 -22.23
C ASP A 100 -4.00 10.43 -21.54
N TRP A 101 -3.05 10.40 -20.60
CA TRP A 101 -2.81 9.25 -19.75
C TRP A 101 -3.65 9.26 -18.48
N ASP A 102 -4.69 10.09 -18.42
CA ASP A 102 -5.57 10.05 -17.26
C ASP A 102 -6.20 8.69 -16.96
N PRO A 103 -6.51 7.83 -17.94
CA PRO A 103 -6.89 6.45 -17.58
C PRO A 103 -5.79 5.70 -16.84
N VAL A 104 -4.54 5.88 -17.26
CA VAL A 104 -3.44 5.23 -16.57
C VAL A 104 -3.30 5.76 -15.15
N LYS A 105 -3.48 7.07 -14.98
CA LYS A 105 -3.32 7.70 -13.68
C LYS A 105 -4.43 7.27 -12.73
N ASP A 106 -5.68 7.33 -13.18
CA ASP A 106 -6.80 6.84 -12.37
C ASP A 106 -6.67 5.36 -12.04
N ALA A 107 -6.19 4.55 -12.98
CA ALA A 107 -5.95 3.13 -12.67
C ALA A 107 -4.87 2.97 -11.59
N ALA A 108 -3.76 3.68 -11.73
CA ALA A 108 -2.69 3.57 -10.74
C ALA A 108 -3.12 4.08 -9.37
N LYS A 109 -4.00 5.08 -9.34
CA LYS A 109 -4.59 5.51 -8.08
C LYS A 109 -5.51 4.46 -7.47
N LYS A 110 -6.36 3.85 -8.28
CA LYS A 110 -7.21 2.76 -7.76
C LYS A 110 -6.39 1.60 -7.25
N LEU A 111 -5.32 1.23 -7.96
CA LEU A 111 -4.45 0.14 -7.50
C LEU A 111 -3.71 0.50 -6.21
N ALA A 112 -3.12 1.69 -6.15
CA ALA A 112 -2.43 2.10 -4.93
C ALA A 112 -3.38 2.17 -3.74
N PHE A 113 -4.60 2.66 -3.95
CA PHE A 113 -5.56 2.70 -2.84
C PHE A 113 -6.06 1.32 -2.45
N ALA A 114 -6.16 0.39 -3.39
CA ALA A 114 -6.53 -0.98 -3.04
C ALA A 114 -5.42 -1.69 -2.27
N GLU A 115 -4.17 -1.54 -2.69
CA GLU A 115 -3.05 -2.06 -1.91
C GLU A 115 -2.99 -1.45 -0.52
N ASP A 116 -3.02 -0.12 -0.41
CA ASP A 116 -2.89 0.52 0.88
C ASP A 116 -4.05 0.20 1.82
N ARG A 117 -5.28 0.10 1.29
CA ARG A 117 -6.39 -0.35 2.13
C ARG A 117 -6.28 -1.83 2.51
N ALA A 118 -5.70 -2.67 1.66
CA ALA A 118 -5.40 -4.03 2.08
C ALA A 118 -4.39 -4.08 3.21
N ILE A 119 -3.32 -3.28 3.10
CA ILE A 119 -2.30 -3.23 4.15
C ILE A 119 -2.87 -2.71 5.46
N PHE A 120 -3.46 -1.52 5.43
CA PHE A 120 -3.87 -0.85 6.68
C PHE A 120 -5.26 -1.24 7.15
N GLU A 121 -6.24 -1.23 6.27
CA GLU A 121 -7.63 -1.51 6.64
C GLU A 121 -7.94 -3.00 6.63
N GLY A 122 -7.07 -3.81 6.04
CA GLY A 122 -7.31 -5.23 5.91
C GLY A 122 -8.22 -5.56 4.76
N TYR A 123 -8.10 -6.81 4.29
CA TYR A 123 -8.86 -7.29 3.15
C TYR A 123 -9.31 -8.71 3.48
N ALA A 124 -10.54 -8.83 3.97
CA ALA A 124 -11.02 -10.07 4.57
C ALA A 124 -10.99 -11.22 3.56
N ALA A 125 -11.37 -10.96 2.31
CA ALA A 125 -11.44 -12.01 1.31
C ALA A 125 -10.07 -12.56 0.92
N ALA A 126 -9.00 -11.89 1.28
CA ALA A 126 -7.65 -12.42 1.10
C ALA A 126 -7.05 -12.95 2.39
N ASN A 127 -7.81 -12.93 3.50
CA ASN A 127 -7.29 -13.24 4.83
C ASN A 127 -6.13 -12.33 5.22
N ILE A 128 -6.10 -11.11 4.72
CA ILE A 128 -5.15 -10.10 5.17
C ILE A 128 -5.77 -9.41 6.40
N GLN A 129 -5.14 -9.64 7.56
CA GLN A 129 -5.66 -9.10 8.80
C GLN A 129 -5.66 -7.57 8.81
N GLY A 130 -4.59 -6.96 8.32
CA GLY A 130 -4.45 -5.51 8.28
C GLY A 130 -4.05 -4.89 9.61
N ILE A 131 -3.28 -3.81 9.52
CA ILE A 131 -2.70 -3.17 10.70
C ILE A 131 -3.79 -2.72 11.68
N ARG A 132 -4.91 -2.23 11.17
CA ARG A 132 -5.96 -1.72 12.06
C ARG A 132 -6.52 -2.83 12.94
N ALA A 133 -6.97 -3.93 12.32
CA ALA A 133 -7.49 -5.05 13.11
C ALA A 133 -6.38 -5.76 13.85
N GLY A 134 -5.18 -5.80 13.27
CA GLY A 134 -4.03 -6.43 13.89
C GLY A 134 -3.24 -5.58 14.85
N SER A 135 -3.82 -4.51 15.38
CA SER A 135 -3.15 -3.66 16.35
C SER A 135 -3.69 -3.92 17.74
N SER A 136 -2.80 -4.23 18.67
CA SER A 136 -3.17 -4.54 20.04
C SER A 136 -3.26 -3.31 20.93
N ASN A 137 -2.60 -2.21 20.56
CA ASN A 137 -2.64 -1.00 21.37
C ASN A 137 -4.05 -0.40 21.38
N PRO A 138 -4.39 0.32 22.44
CA PRO A 138 -5.69 1.03 22.49
C PRO A 138 -5.91 1.91 21.27
N GLY A 139 -7.12 1.85 20.72
CA GLY A 139 -7.49 2.67 19.59
C GLY A 139 -7.78 4.10 20.01
N LEU A 140 -7.02 5.05 19.46
CA LEU A 140 -7.24 6.46 19.73
C LEU A 140 -8.24 7.05 18.74
N ALA A 141 -8.51 8.35 18.91
CA ALA A 141 -9.33 9.09 17.96
C ALA A 141 -8.71 10.46 17.73
N LEU A 142 -8.82 10.96 16.51
CA LEU A 142 -8.40 12.31 16.18
C LEU A 142 -9.45 13.32 16.60
N PRO A 143 -9.05 14.46 17.17
CA PRO A 143 -9.99 15.53 17.47
C PRO A 143 -10.36 16.32 16.23
N ASP A 144 -11.42 17.13 16.38
CA ASP A 144 -11.83 18.10 15.38
C ASP A 144 -10.96 19.34 15.33
N ASP A 145 -10.14 19.57 16.35
CA ASP A 145 -9.19 20.69 16.34
C ASP A 145 -7.80 20.16 16.09
N PRO A 146 -7.25 20.34 14.88
CA PRO A 146 -5.91 19.83 14.58
C PRO A 146 -4.82 20.29 15.55
N ARG A 147 -5.07 21.38 16.28
CA ARG A 147 -4.10 21.82 17.29
C ARG A 147 -3.97 20.80 18.42
N GLY A 148 -4.94 19.89 18.55
CA GLY A 148 -4.83 18.77 19.47
C GLY A 148 -4.02 17.59 18.95
N TYR A 149 -3.73 17.56 17.66
CA TYR A 149 -3.05 16.40 17.08
C TYR A 149 -1.68 16.11 17.69
N PRO A 150 -0.83 17.10 18.00
CA PRO A 150 0.42 16.77 18.71
C PRO A 150 0.19 16.09 20.05
N ASP A 151 -0.94 16.36 20.71
CA ASP A 151 -1.26 15.67 21.95
C ASP A 151 -1.58 14.19 21.71
N VAL A 152 -2.49 13.92 20.79
CA VAL A 152 -2.89 12.55 20.49
C VAL A 152 -1.72 11.75 19.93
N ILE A 153 -0.84 12.40 19.16
CA ILE A 153 0.36 11.74 18.65
C ILE A 153 1.38 11.47 19.75
N ALA A 154 1.59 12.41 20.68
CA ALA A 154 2.48 12.11 21.79
C ALA A 154 1.89 11.08 22.75
N GLN A 155 0.56 11.01 22.83
CA GLN A 155 -0.11 9.91 23.53
C GLN A 155 0.19 8.56 22.88
N ALA A 156 -0.08 8.45 21.57
CA ALA A 156 0.26 7.23 20.84
C ALA A 156 1.73 6.85 20.97
N LEU A 157 2.63 7.83 20.85
CA LEU A 157 4.06 7.54 21.05
C LEU A 157 4.38 7.11 22.48
N SER A 158 3.60 7.56 23.46
CA SER A 158 3.82 7.06 24.82
C SER A 158 3.30 5.65 24.98
N GLU A 159 2.18 5.33 24.34
CA GLU A 159 1.75 3.94 24.21
C GLU A 159 2.84 3.05 23.60
N LEU A 160 3.44 3.52 22.50
CA LEU A 160 4.52 2.77 21.87
C LEU A 160 5.73 2.60 22.78
N ARG A 161 6.12 3.64 23.50
CA ARG A 161 7.22 3.52 24.45
C ARG A 161 6.88 2.54 25.57
N LEU A 162 5.70 2.68 26.16
CA LEU A 162 5.27 1.77 27.22
C LEU A 162 5.12 0.35 26.71
N ALA A 163 4.66 0.17 25.47
CA ALA A 163 4.69 -1.15 24.86
C ALA A 163 6.09 -1.61 24.48
N GLY A 164 7.13 -0.82 24.69
CA GLY A 164 8.47 -1.31 24.46
C GLY A 164 8.94 -1.31 23.03
N VAL A 165 8.34 -0.48 22.17
CA VAL A 165 8.62 -0.48 20.74
C VAL A 165 9.60 0.65 20.43
N ASP A 166 10.70 0.32 19.77
CA ASP A 166 11.68 1.33 19.40
C ASP A 166 11.12 2.24 18.31
N GLY A 167 11.73 3.42 18.20
CA GLY A 167 11.72 4.19 16.98
C GLY A 167 12.69 3.65 15.94
N PRO A 168 12.85 4.38 14.82
CA PRO A 168 12.28 5.68 14.50
C PRO A 168 10.78 5.60 14.19
N TYR A 169 9.96 6.37 14.89
CA TYR A 169 8.53 6.34 14.69
C TYR A 169 8.12 7.23 13.52
N SER A 170 7.02 6.85 12.86
CA SER A 170 6.49 7.63 11.76
C SER A 170 4.97 7.71 11.91
N VAL A 171 4.39 8.77 11.34
CA VAL A 171 2.95 9.01 11.43
C VAL A 171 2.39 9.15 10.02
N LEU A 172 1.31 8.42 9.75
CA LEU A 172 0.60 8.48 8.49
C LEU A 172 -0.76 9.13 8.73
N LEU A 173 -1.10 10.13 7.92
CA LEU A 173 -2.40 10.77 7.99
C LEU A 173 -3.14 10.67 6.67
N SER A 174 -4.45 10.44 6.76
CA SER A 174 -5.34 10.55 5.62
C SER A 174 -5.27 11.95 5.00
N ALA A 175 -5.77 12.03 3.77
CA ALA A 175 -5.50 13.20 2.92
C ALA A 175 -5.98 14.49 3.57
N ASP A 176 -7.20 14.50 4.11
CA ASP A 176 -7.70 15.69 4.78
C ASP A 176 -6.98 15.95 6.10
N ALA A 177 -6.68 14.89 6.85
CA ALA A 177 -5.92 15.08 8.08
C ALA A 177 -4.54 15.67 7.80
N TYR A 178 -3.93 15.28 6.68
CA TYR A 178 -2.67 15.89 6.28
C TYR A 178 -2.86 17.32 5.80
N THR A 179 -3.99 17.61 5.16
CA THR A 179 -4.30 19.00 4.82
C THR A 179 -4.38 19.86 6.07
N LYS A 180 -5.13 19.40 7.07
CA LYS A 180 -5.28 20.09 8.33
C LYS A 180 -3.94 20.33 9.03
N VAL A 181 -3.12 19.29 9.19
CA VAL A 181 -1.81 19.52 9.78
C VAL A 181 -0.88 20.33 8.88
N SER A 182 -1.20 20.47 7.60
CA SER A 182 -0.40 21.31 6.72
C SER A 182 -0.75 22.78 6.87
N GLU A 183 -2.03 23.09 7.06
CA GLU A 183 -2.45 24.44 7.36
C GLU A 183 -1.99 24.90 8.74
N THR A 184 -2.10 24.03 9.75
CA THR A 184 -2.26 24.50 11.11
C THR A 184 -1.01 25.21 11.62
N THR A 185 -1.22 26.33 12.31
CA THR A 185 -0.27 26.92 13.24
C THR A 185 -0.85 26.93 14.64
N GLU A 186 0.04 26.84 15.63
CA GLU A 186 -0.30 27.18 17.01
C GLU A 186 0.45 28.45 17.39
N HIS A 187 -0.31 29.49 17.74
CA HIS A 187 0.23 30.82 18.04
C HIS A 187 1.23 31.26 16.97
N GLY A 188 0.90 30.98 15.71
CA GLY A 188 1.77 31.30 14.59
C GLY A 188 2.91 30.33 14.37
N TYR A 189 3.27 29.54 15.38
CA TYR A 189 4.36 28.59 15.22
C TYR A 189 3.91 27.42 14.35
N PRO A 190 4.69 27.02 13.35
CA PRO A 190 4.27 25.92 12.46
C PRO A 190 4.12 24.62 13.25
N LEU A 191 2.89 24.10 13.28
CA LEU A 191 2.60 22.94 14.12
C LEU A 191 3.24 21.67 13.56
N ARG A 192 3.45 21.61 12.25
CA ARG A 192 4.26 20.54 11.70
C ARG A 192 5.75 20.70 12.02
N GLU A 193 6.20 21.91 12.39
CA GLU A 193 7.54 22.03 12.95
C GLU A 193 7.63 21.52 14.38
N HIS A 194 6.53 21.50 15.11
CA HIS A 194 6.47 20.74 16.36
C HIS A 194 6.43 19.23 16.10
N LEU A 195 5.56 18.80 15.18
CA LEU A 195 5.48 17.37 14.84
C LEU A 195 6.80 16.81 14.33
N ASN A 196 7.53 17.56 13.50
CA ASN A 196 8.85 17.13 13.05
C ASN A 196 9.84 16.92 14.18
N ARG A 197 9.54 17.36 15.40
CA ARG A 197 10.40 17.13 16.55
C ARG A 197 9.81 16.15 17.54
N VAL A 198 8.49 16.09 17.65
CA VAL A 198 7.83 15.02 18.38
C VAL A 198 8.09 13.69 17.71
N VAL A 199 8.00 13.67 16.38
CA VAL A 199 8.16 12.46 15.58
C VAL A 199 9.56 12.48 14.97
N ASP A 200 10.38 11.49 15.33
CA ASP A 200 11.76 11.45 14.90
C ASP A 200 11.94 10.79 13.54
N GLY A 201 10.92 10.13 13.00
CA GLY A 201 10.99 9.65 11.63
C GLY A 201 10.38 10.62 10.64
N ASP A 202 9.21 10.28 10.10
CA ASP A 202 8.66 11.03 8.99
C ASP A 202 7.14 11.09 9.10
N ILE A 203 6.59 12.11 8.45
CA ILE A 203 5.16 12.40 8.45
C ILE A 203 4.66 12.30 7.02
N ILE A 204 3.71 11.41 6.77
CA ILE A 204 3.50 10.83 5.45
C ILE A 204 2.05 11.04 5.05
N TRP A 205 1.84 11.55 3.84
CA TRP A 205 0.51 11.61 3.24
C TRP A 205 0.07 10.23 2.81
N ALA A 206 -1.07 9.79 3.34
CA ALA A 206 -1.64 8.47 3.07
C ALA A 206 -3.11 8.60 2.70
N PRO A 207 -3.41 9.01 1.47
CA PRO A 207 -4.79 9.37 1.14
C PRO A 207 -5.76 8.20 1.16
N ALA A 208 -5.24 6.97 1.11
CA ALA A 208 -6.09 5.78 1.00
C ALA A 208 -6.77 5.43 2.31
N ILE A 209 -6.12 5.72 3.44
CA ILE A 209 -6.54 5.18 4.73
C ILE A 209 -7.53 6.12 5.41
N ASP A 210 -8.13 5.66 6.51
CA ASP A 210 -9.03 6.44 7.33
C ASP A 210 -8.37 6.83 8.65
N GLY A 211 -8.58 8.07 9.06
CA GLY A 211 -7.98 8.55 10.29
C GLY A 211 -6.48 8.68 10.16
N ALA A 212 -5.75 8.08 11.09
CA ALA A 212 -4.29 8.12 11.02
C ALA A 212 -3.71 6.87 11.67
N PHE A 213 -2.44 6.63 11.38
CA PHE A 213 -1.66 5.57 12.01
C PHE A 213 -0.32 6.13 12.47
N VAL A 214 0.11 5.72 13.66
CA VAL A 214 1.45 5.95 14.16
C VAL A 214 2.17 4.61 14.20
N LEU A 215 3.36 4.54 13.59
CA LEU A 215 4.03 3.27 13.42
C LEU A 215 5.49 3.41 13.79
N SER A 216 6.08 2.29 14.20
CA SER A 216 7.54 2.15 14.21
C SER A 216 8.06 1.79 12.83
N THR A 217 9.24 2.29 12.52
CA THR A 217 9.95 1.92 11.30
C THR A 217 11.31 1.29 11.61
N ARG A 218 11.41 0.62 12.76
CA ARG A 218 12.62 -0.11 13.09
C ARG A 218 12.86 -1.33 12.21
N GLY A 219 11.84 -1.75 11.46
CA GLY A 219 11.95 -2.95 10.65
C GLY A 219 11.51 -4.20 11.38
N GLY A 220 11.21 -5.24 10.60
CA GLY A 220 10.84 -6.53 11.13
C GLY A 220 9.43 -6.64 11.66
N ASP A 221 8.69 -5.54 11.73
CA ASP A 221 7.35 -5.56 12.30
C ASP A 221 6.26 -5.72 11.24
N PHE A 222 6.50 -5.21 10.04
CA PHE A 222 5.56 -5.24 8.94
C PHE A 222 6.31 -5.68 7.69
N ASP A 223 5.71 -6.59 6.92
CA ASP A 223 6.40 -7.20 5.79
C ASP A 223 5.41 -7.35 4.64
N LEU A 224 5.60 -6.53 3.62
CA LEU A 224 4.83 -6.61 2.38
C LEU A 224 5.54 -7.58 1.46
N GLN A 225 4.94 -8.74 1.24
CA GLN A 225 5.52 -9.79 0.41
C GLN A 225 5.03 -9.64 -1.02
N LEU A 226 5.86 -9.07 -1.88
CA LEU A 226 5.56 -8.96 -3.30
C LEU A 226 5.86 -10.29 -3.99
N GLY A 227 4.85 -10.85 -4.66
CA GLY A 227 5.08 -11.83 -5.69
C GLY A 227 5.57 -11.21 -6.98
N THR A 228 4.79 -10.29 -7.52
CA THR A 228 5.14 -9.56 -8.73
C THR A 228 4.82 -8.09 -8.54
N ASP A 229 5.81 -7.24 -8.83
CA ASP A 229 5.63 -5.81 -8.73
C ASP A 229 4.70 -5.30 -9.84
N VAL A 230 4.32 -4.03 -9.72
CA VAL A 230 3.33 -3.41 -10.60
C VAL A 230 3.71 -3.62 -12.05
N SER A 231 2.83 -4.27 -12.80
CA SER A 231 3.10 -4.73 -14.16
C SER A 231 1.99 -4.26 -15.08
N ILE A 232 2.36 -3.89 -16.31
CA ILE A 232 1.43 -3.38 -17.30
C ILE A 232 1.32 -4.41 -18.42
N GLY A 233 0.09 -4.82 -18.73
CA GLY A 233 -0.12 -5.85 -19.72
C GLY A 233 -1.35 -5.54 -20.57
N TYR A 234 -1.52 -6.34 -21.62
CA TYR A 234 -2.46 -6.06 -22.69
C TYR A 234 -3.66 -7.00 -22.56
N SER A 235 -4.85 -6.43 -22.68
CA SER A 235 -6.10 -7.21 -22.65
C SER A 235 -6.70 -7.38 -24.04
N SER A 236 -6.96 -6.27 -24.73
CA SER A 236 -7.57 -6.31 -26.05
C SER A 236 -7.38 -4.93 -26.68
N HIS A 237 -7.79 -4.82 -27.94
CA HIS A 237 -7.89 -3.52 -28.60
C HIS A 237 -9.03 -3.56 -29.60
N ASP A 238 -9.43 -2.38 -30.04
CA ASP A 238 -10.34 -2.24 -31.18
C ASP A 238 -9.79 -1.14 -32.08
N ALA A 239 -10.64 -0.63 -32.98
CA ALA A 239 -10.21 0.39 -33.92
C ALA A 239 -9.81 1.69 -33.24
N ASP A 240 -10.36 1.97 -32.04
CA ASP A 240 -10.19 3.25 -31.40
C ASP A 240 -9.43 3.20 -30.09
N THR A 241 -9.38 2.05 -29.42
CA THR A 241 -8.96 1.99 -28.02
C THR A 241 -8.14 0.73 -27.80
N VAL A 242 -7.30 0.78 -26.77
CA VAL A 242 -6.59 -0.39 -26.26
C VAL A 242 -7.01 -0.58 -24.81
N GLN A 243 -7.55 -1.76 -24.50
CA GLN A 243 -7.76 -2.18 -23.12
C GLN A 243 -6.45 -2.75 -22.58
N LEU A 244 -5.87 -2.06 -21.60
CA LEU A 244 -4.75 -2.58 -20.83
C LEU A 244 -5.24 -2.93 -19.42
N TYR A 245 -4.32 -3.39 -18.58
CA TYR A 245 -4.55 -3.44 -17.15
C TYR A 245 -3.27 -3.13 -16.39
N LEU A 246 -3.46 -2.65 -15.17
CA LEU A 246 -2.41 -2.63 -14.14
C LEU A 246 -2.63 -3.79 -13.18
N GLN A 247 -1.55 -4.48 -12.83
CA GLN A 247 -1.66 -5.67 -12.02
C GLN A 247 -0.47 -5.76 -11.06
N GLU A 248 -0.72 -6.30 -9.88
CA GLU A 248 0.31 -6.80 -9.00
C GLU A 248 -0.25 -7.95 -8.18
N THR A 249 0.65 -8.76 -7.62
CA THR A 249 0.27 -9.80 -6.67
C THR A 249 1.14 -9.71 -5.42
N PHE A 250 0.49 -9.73 -4.25
CA PHE A 250 1.16 -9.40 -3.00
C PHE A 250 0.40 -10.05 -1.85
N THR A 251 1.06 -10.11 -0.69
CA THR A 251 0.37 -10.30 0.58
C THR A 251 1.07 -9.48 1.66
N PHE A 252 0.32 -9.13 2.70
CA PHE A 252 0.82 -8.34 3.82
C PHE A 252 0.78 -9.14 5.10
N LEU A 253 1.92 -9.27 5.77
CA LEU A 253 2.06 -10.01 7.02
C LEU A 253 2.34 -9.04 8.16
N ASN A 254 1.50 -9.09 9.19
CA ASN A 254 1.58 -8.17 10.34
C ASN A 254 2.19 -8.90 11.54
N TYR A 255 3.53 -8.83 11.65
CA TYR A 255 4.24 -9.66 12.61
C TYR A 255 4.18 -9.16 14.05
N THR A 256 3.92 -7.88 14.29
CA THR A 256 4.03 -7.33 15.63
C THR A 256 2.83 -6.44 15.97
N ALA A 257 1.82 -7.04 16.59
CA ALA A 257 0.57 -6.35 16.87
C ALA A 257 0.74 -5.15 17.79
N GLU A 258 1.78 -5.15 18.63
CA GLU A 258 2.06 -4.03 19.51
C GLU A 258 2.75 -2.87 18.82
N ALA A 259 3.26 -3.05 17.61
CA ALA A 259 4.08 -2.05 16.94
C ALA A 259 3.26 -0.98 16.25
N SER A 260 1.94 -0.97 16.42
CA SER A 260 1.09 0.00 15.75
C SER A 260 0.01 0.52 16.70
N VAL A 261 -0.37 1.77 16.49
CA VAL A 261 -1.56 2.36 17.09
C VAL A 261 -2.45 2.87 15.97
N ALA A 262 -3.73 2.50 16.01
CA ALA A 262 -4.73 3.02 15.08
C ALA A 262 -5.38 4.26 15.69
N LEU A 263 -5.28 5.38 14.99
CA LEU A 263 -5.95 6.62 15.39
C LEU A 263 -7.21 6.76 14.53
N SER A 264 -8.32 6.31 15.07
CA SER A 264 -9.57 6.27 14.31
C SER A 264 -10.01 7.68 13.95
N ALA A 265 -10.79 7.77 12.86
CA ALA A 265 -11.36 9.05 12.45
C ALA A 265 -12.42 9.51 13.44
#